data_6XSP
#
_entry.id   6XSP
#
_cell.length_a   117.080
_cell.length_b   63.820
_cell.length_c   74.370
_cell.angle_alpha   90.000
_cell.angle_beta   125.730
_cell.angle_gamma   90.000
#
_symmetry.space_group_name_H-M   'C 1 2 1'
#
loop_
_entity.id
_entity.type
_entity.pdbx_description
1 polymer 'Thiol:disulfide interchange protein DsbA'
2 non-polymer '[2,6-bis(3-methoxyphenyl)-1-benzofuran-3-yl]acetic acid'
3 non-polymer 'COPPER (II) ION'
4 water water
#
_entity_poly.entity_id   1
_entity_poly.type   'polypeptide(L)'
_entity_poly.pdbx_seq_one_letter_code
;AQYEDGKQYTTLEKPVAGAPQVLEFFSFFCPHCYQFEEVLHISDNVKKKLPEGVKMTKYHVNFMGGDLGKDLTQAWAVAM
ALGVEDKVTVPLFEGVQKTQTIRSASDIRDVFINAGIKGEEYDAAWNSFVVKSLVAQQEKAAADVQLRGVPAMFVNGKYQ
LNPQGMDTSNMDVFVQQYADTVKYLSEKK
;
_entity_poly.pdbx_strand_id   A,B
#
loop_
_chem_comp.id
_chem_comp.type
_chem_comp.name
_chem_comp.formula
CU non-polymer 'COPPER (II) ION' 'Cu 2'
VCY non-polymer '[2,6-bis(3-methoxyphenyl)-1-benzofuran-3-yl]acetic acid' 'C24 H20 O5'
#
# COMPACT_ATOMS: atom_id res chain seq x y z
N ALA A 1 23.20 -12.17 21.86
CA ALA A 1 21.83 -12.54 22.23
C ALA A 1 20.99 -12.66 20.96
N GLN A 2 19.79 -13.25 21.11
CA GLN A 2 18.93 -13.42 19.94
C GLN A 2 18.09 -12.19 19.63
N TYR A 3 17.69 -11.43 20.67
CA TYR A 3 17.07 -10.13 20.56
C TYR A 3 18.10 -9.15 21.09
N GLU A 4 18.47 -8.16 20.27
CA GLU A 4 19.41 -7.16 20.74
C GLU A 4 18.88 -5.77 20.34
N ASP A 5 18.91 -4.83 21.27
CA ASP A 5 18.67 -3.42 21.01
C ASP A 5 19.45 -2.95 19.79
N GLY A 6 18.74 -2.51 18.75
CA GLY A 6 19.33 -2.09 17.50
C GLY A 6 19.07 -3.02 16.36
N LYS A 7 18.56 -4.20 16.66
CA LYS A 7 18.28 -5.19 15.64
C LYS A 7 16.78 -5.38 15.42
N GLN A 8 16.08 -6.09 16.34
CA GLN A 8 14.63 -6.25 16.25
C GLN A 8 13.91 -5.05 16.84
N TYR A 9 14.61 -4.24 17.61
CA TYR A 9 14.00 -3.12 18.28
C TYR A 9 15.08 -2.08 18.59
N THR A 10 14.60 -0.89 18.93
CA THR A 10 15.45 0.19 19.42
C THR A 10 14.95 0.58 20.80
N THR A 11 15.77 1.29 21.56
CA THR A 11 15.39 1.64 22.92
C THR A 11 15.35 3.15 23.00
N LEU A 12 14.27 3.70 23.55
CA LEU A 12 14.09 5.15 23.54
C LEU A 12 15.10 5.80 24.48
N GLU A 13 15.72 6.88 24.00
CA GLU A 13 16.67 7.62 24.83
C GLU A 13 15.95 8.36 25.94
N LYS A 14 14.77 8.91 25.67
CA LYS A 14 13.93 9.51 26.71
C LYS A 14 12.71 8.62 26.89
N PRO A 15 12.75 7.67 27.83
CA PRO A 15 11.56 6.88 28.14
C PRO A 15 10.35 7.77 28.44
N VAL A 16 9.18 7.21 28.16
CA VAL A 16 7.89 7.89 28.29
C VAL A 16 7.17 7.24 29.47
N ALA A 17 6.98 8.01 30.54
CA ALA A 17 6.39 7.48 31.77
C ALA A 17 4.88 7.29 31.59
N GLY A 18 4.37 6.21 32.18
CA GLY A 18 2.94 5.98 32.21
C GLY A 18 2.31 5.78 30.85
N ALA A 19 3.09 5.30 29.88
CA ALA A 19 2.58 5.07 28.55
C ALA A 19 1.81 3.76 28.49
N PRO A 20 1.00 3.56 27.44
CA PRO A 20 0.27 2.30 27.29
C PRO A 20 1.22 1.15 27.01
N GLN A 21 0.81 -0.05 27.40
CA GLN A 21 1.70 -1.20 27.27
C GLN A 21 2.14 -1.40 25.82
N VAL A 22 1.22 -1.76 24.93
CA VAL A 22 1.52 -1.89 23.50
C VAL A 22 0.82 -0.73 22.79
N LEU A 23 1.60 0.17 22.21
CA LEU A 23 1.09 1.40 21.61
C LEU A 23 1.52 1.47 20.16
N GLU A 24 0.54 1.47 19.27
CA GLU A 24 0.77 1.33 17.85
C GLU A 24 0.25 2.59 17.16
N PHE A 25 1.08 3.18 16.29
CA PHE A 25 0.68 4.34 15.51
C PHE A 25 0.53 3.98 14.04
N PHE A 26 -0.46 4.59 13.38
CA PHE A 26 -0.70 4.34 11.97
C PHE A 26 -1.37 5.56 11.36
N SER A 27 -1.46 5.52 10.03
CA SER A 27 -2.10 6.53 9.21
C SER A 27 -2.89 5.82 8.11
N PHE A 28 -4.09 6.32 7.84
CA PHE A 28 -4.81 5.72 6.73
C PHE A 28 -4.24 6.13 5.39
N PHE A 29 -3.29 7.09 5.36
CA PHE A 29 -2.54 7.45 4.14
C PHE A 29 -1.24 6.67 3.97
N CYS A 30 -0.88 5.86 4.94
CA CYS A 30 0.41 5.21 4.99
C CYS A 30 0.40 3.88 4.24
N PRO A 31 1.18 3.72 3.18
CA PRO A 31 1.10 2.45 2.43
C PRO A 31 1.56 1.27 3.25
N HIS A 32 2.59 1.42 4.07
CA HIS A 32 2.99 0.29 4.90
C HIS A 32 1.94 -0.04 5.94
N CYS A 33 1.16 0.96 6.36
CA CYS A 33 0.11 0.69 7.34
C CYS A 33 -1.02 -0.12 6.71
N TYR A 34 -1.36 0.18 5.46
CA TYR A 34 -2.28 -0.67 4.69
C TYR A 34 -1.83 -2.13 4.72
N GLN A 35 -0.56 -2.36 4.41
CA GLN A 35 0.01 -3.71 4.45
C GLN A 35 -0.12 -4.32 5.86
N PHE A 36 0.43 -3.65 6.88
CA PHE A 36 0.33 -4.19 8.25
C PHE A 36 -1.10 -4.58 8.61
N GLU A 37 -2.07 -3.82 8.11
CA GLU A 37 -3.43 -4.07 8.57
C GLU A 37 -4.16 -5.02 7.63
N GLU A 38 -4.04 -4.81 6.33
CA GLU A 38 -4.84 -5.56 5.38
C GLU A 38 -4.19 -6.88 4.96
N VAL A 39 -2.89 -6.87 4.69
CA VAL A 39 -2.17 -8.06 4.22
C VAL A 39 -1.60 -8.88 5.37
N LEU A 40 -0.94 -8.23 6.33
CA LEU A 40 -0.18 -8.91 7.36
C LEU A 40 -0.92 -9.05 8.69
N HIS A 41 -1.85 -8.14 9.01
CA HIS A 41 -2.66 -8.28 10.22
C HIS A 41 -1.78 -8.28 11.49
N ILE A 42 -0.81 -7.37 11.50
CA ILE A 42 0.15 -7.26 12.60
C ILE A 42 -0.57 -7.13 13.94
N SER A 43 -1.42 -6.10 14.06
CA SER A 43 -2.11 -5.84 15.32
C SER A 43 -2.71 -7.12 15.87
N ASP A 44 -3.35 -7.89 15.00
CA ASP A 44 -4.11 -9.03 15.49
C ASP A 44 -3.20 -10.21 15.85
N ASN A 45 -2.09 -10.38 15.15
CA ASN A 45 -1.17 -11.45 15.52
C ASN A 45 -0.40 -11.09 16.77
N VAL A 46 -0.09 -9.81 16.96
CA VAL A 46 0.49 -9.38 18.23
C VAL A 46 -0.45 -9.75 19.38
N LYS A 47 -1.70 -9.27 19.33
CA LYS A 47 -2.63 -9.54 20.42
C LYS A 47 -2.66 -11.04 20.77
N LYS A 48 -2.61 -11.89 19.75
CA LYS A 48 -2.71 -13.33 20.00
C LYS A 48 -1.50 -13.91 20.73
N LYS A 49 -0.39 -13.18 20.82
CA LYS A 49 0.81 -13.67 21.49
C LYS A 49 1.05 -13.02 22.85
N LEU A 50 0.21 -12.03 23.25
CA LEU A 50 0.33 -11.36 24.53
C LEU A 50 -0.52 -12.05 25.61
N PRO A 51 -0.22 -11.82 26.89
CA PRO A 51 -1.12 -12.29 27.95
C PRO A 51 -2.54 -11.83 27.73
N GLU A 52 -3.49 -12.76 27.86
CA GLU A 52 -4.91 -12.44 27.66
C GLU A 52 -5.34 -11.27 28.53
N GLY A 53 -6.06 -10.32 27.93
CA GLY A 53 -6.49 -9.13 28.64
C GLY A 53 -5.45 -8.05 28.80
N VAL A 54 -4.43 -8.01 27.95
CA VAL A 54 -3.43 -6.94 27.97
C VAL A 54 -3.98 -5.77 27.16
N LYS A 55 -3.39 -4.60 27.30
CA LYS A 55 -3.92 -3.37 26.70
C LYS A 55 -3.12 -3.08 25.43
N MET A 56 -3.73 -3.34 24.27
CA MET A 56 -3.21 -2.89 22.99
C MET A 56 -3.90 -1.59 22.62
N THR A 57 -3.11 -0.57 22.33
CA THR A 57 -3.64 0.74 21.96
C THR A 57 -3.13 1.14 20.59
N LYS A 58 -4.05 1.59 19.73
CA LYS A 58 -3.75 2.03 18.38
C LYS A 58 -4.27 3.44 18.18
N TYR A 59 -3.39 4.33 17.67
CA TYR A 59 -3.72 5.73 17.44
C TYR A 59 -3.41 6.17 16.00
N HIS A 60 -4.28 7.02 15.45
CA HIS A 60 -4.00 7.66 14.17
C HIS A 60 -3.06 8.84 14.39
N VAL A 61 -2.40 9.28 13.31
CA VAL A 61 -1.44 10.38 13.38
C VAL A 61 -1.79 11.41 12.30
N ASN A 62 -1.31 12.64 12.52
CA ASN A 62 -1.66 13.76 11.66
C ASN A 62 -0.66 14.00 10.53
N PHE A 63 0.59 13.58 10.68
CA PHE A 63 1.61 14.13 9.82
C PHE A 63 1.55 13.58 8.37
N MET A 64 0.51 12.86 7.98
CA MET A 64 0.33 12.46 6.59
C MET A 64 -1.03 12.90 6.11
N GLY A 65 -1.08 13.42 4.89
CA GLY A 65 -2.34 13.73 4.26
C GLY A 65 -2.90 15.09 4.60
N GLY A 66 -2.11 15.95 5.24
CA GLY A 66 -2.51 17.33 5.45
C GLY A 66 -3.86 17.43 6.10
N ASP A 67 -4.80 18.12 5.44
CA ASP A 67 -6.09 18.41 6.06
C ASP A 67 -6.87 17.14 6.32
N LEU A 68 -6.95 16.27 5.32
CA LEU A 68 -7.69 15.04 5.45
C LEU A 68 -7.05 14.12 6.47
N GLY A 69 -5.72 14.16 6.60
CA GLY A 69 -5.09 13.36 7.64
C GLY A 69 -5.55 13.73 9.03
N LYS A 70 -5.71 15.03 9.28
CA LYS A 70 -6.23 15.49 10.57
C LYS A 70 -7.70 15.10 10.73
N ASP A 71 -8.50 15.26 9.66
CA ASP A 71 -9.87 14.73 9.65
C ASP A 71 -9.88 13.26 10.04
N LEU A 72 -8.94 12.47 9.50
CA LEU A 72 -8.92 11.05 9.78
C LEU A 72 -8.61 10.77 11.24
N THR A 73 -7.79 11.61 11.87
CA THR A 73 -7.51 11.41 13.29
C THR A 73 -8.74 11.68 14.13
N GLN A 74 -9.55 12.68 13.75
CA GLN A 74 -10.79 12.91 14.51
C GLN A 74 -11.77 11.76 14.32
N ALA A 75 -11.86 11.23 13.08
CA ALA A 75 -12.70 10.07 12.83
C ALA A 75 -12.17 8.82 13.53
N TRP A 76 -10.86 8.67 13.65
CA TRP A 76 -10.39 7.55 14.45
C TRP A 76 -10.81 7.75 15.92
N ALA A 77 -10.81 9.00 16.41
CA ALA A 77 -11.35 9.26 17.73
C ALA A 77 -12.84 8.89 17.81
N VAL A 78 -13.62 9.25 16.77
CA VAL A 78 -15.03 8.83 16.75
C VAL A 78 -15.13 7.32 16.81
N ALA A 79 -14.47 6.65 15.86
CA ALA A 79 -14.39 5.18 15.89
C ALA A 79 -14.08 4.66 17.29
N MET A 80 -13.09 5.23 17.98
CA MET A 80 -12.70 4.70 19.28
C MET A 80 -13.77 4.97 20.32
N ALA A 81 -14.32 6.20 20.31
CA ALA A 81 -15.40 6.57 21.22
C ALA A 81 -16.61 5.64 21.08
N LEU A 82 -16.94 5.21 19.86
CA LEU A 82 -18.09 4.35 19.65
C LEU A 82 -17.74 2.88 19.66
N GLY A 83 -16.46 2.53 19.78
CA GLY A 83 -16.03 1.15 19.67
C GLY A 83 -16.35 0.48 18.36
N VAL A 84 -16.22 1.19 17.24
CA VAL A 84 -16.48 0.61 15.93
C VAL A 84 -15.21 0.42 15.11
N GLU A 85 -14.04 0.41 15.76
CA GLU A 85 -12.80 0.26 15.01
C GLU A 85 -12.89 -0.89 14.03
N ASP A 86 -13.44 -2.01 14.47
CA ASP A 86 -13.49 -3.21 13.64
C ASP A 86 -14.40 -3.05 12.46
N LYS A 87 -15.33 -2.10 12.52
CA LYS A 87 -16.28 -1.87 11.44
C LYS A 87 -15.73 -0.96 10.34
N VAL A 88 -14.82 -0.05 10.67
CA VAL A 88 -14.41 1.00 9.73
C VAL A 88 -12.95 0.93 9.33
N THR A 89 -12.12 0.11 9.97
CA THR A 89 -10.70 0.10 9.64
C THR A 89 -10.50 -0.27 8.18
N VAL A 90 -11.17 -1.33 7.72
CA VAL A 90 -11.01 -1.81 6.34
C VAL A 90 -11.58 -0.81 5.33
N PRO A 91 -12.87 -0.44 5.41
CA PRO A 91 -13.38 0.59 4.49
C PRO A 91 -12.56 1.86 4.48
N LEU A 92 -12.01 2.31 5.62
CA LEU A 92 -11.25 3.55 5.63
C LEU A 92 -9.95 3.38 4.85
N PHE A 93 -9.16 2.33 5.17
CA PHE A 93 -7.97 2.06 4.36
C PHE A 93 -8.32 1.96 2.88
N GLU A 94 -9.35 1.19 2.53
CA GLU A 94 -9.64 1.00 1.11
C GLU A 94 -10.14 2.29 0.47
N GLY A 95 -10.95 3.08 1.20
CA GLY A 95 -11.40 4.36 0.68
C GLY A 95 -10.29 5.36 0.46
N VAL A 96 -9.26 5.34 1.30
CA VAL A 96 -8.15 6.27 1.09
C VAL A 96 -7.19 5.74 0.03
N GLN A 97 -6.84 4.45 0.08
CA GLN A 97 -5.73 3.93 -0.71
C GLN A 97 -6.15 3.05 -1.88
N LYS A 98 -7.28 2.35 -1.81
CA LYS A 98 -7.65 1.42 -2.88
C LYS A 98 -8.53 2.09 -3.92
N THR A 99 -9.72 2.55 -3.50
CA THR A 99 -10.62 3.25 -4.39
C THR A 99 -10.35 4.74 -4.45
N GLN A 100 -9.65 5.29 -3.46
CA GLN A 100 -9.34 6.71 -3.43
C GLN A 100 -10.60 7.55 -3.56
N THR A 101 -11.66 7.06 -2.94
CA THR A 101 -12.93 7.77 -2.86
C THR A 101 -13.09 8.58 -1.58
N ILE A 102 -12.14 8.53 -0.65
CA ILE A 102 -12.19 9.38 0.53
C ILE A 102 -11.37 10.63 0.22
N ARG A 103 -12.07 11.71 -0.08
CA ARG A 103 -11.42 12.97 -0.40
C ARG A 103 -11.83 14.11 0.51
N SER A 104 -12.70 13.88 1.49
CA SER A 104 -13.23 14.96 2.31
C SER A 104 -13.81 14.36 3.57
N ALA A 105 -14.00 15.20 4.58
CA ALA A 105 -14.64 14.75 5.81
C ALA A 105 -15.99 14.10 5.53
N SER A 106 -16.73 14.66 4.59
CA SER A 106 -17.99 14.03 4.19
C SER A 106 -17.78 12.59 3.71
N ASP A 107 -16.71 12.35 2.93
CA ASP A 107 -16.48 10.97 2.49
C ASP A 107 -16.11 10.07 3.65
N ILE A 108 -15.35 10.58 4.63
CA ILE A 108 -15.07 9.76 5.81
C ILE A 108 -16.37 9.34 6.46
N ARG A 109 -17.27 10.32 6.63
CA ARG A 109 -18.55 10.04 7.30
C ARG A 109 -19.33 8.99 6.54
N ASP A 110 -19.30 9.03 5.20
CA ASP A 110 -20.02 8.04 4.40
C ASP A 110 -19.58 6.64 4.78
N VAL A 111 -18.28 6.45 5.01
CA VAL A 111 -17.81 5.14 5.44
C VAL A 111 -18.55 4.69 6.69
N PHE A 112 -18.77 5.61 7.63
CA PHE A 112 -19.43 5.24 8.88
C PHE A 112 -20.91 4.96 8.66
N ILE A 113 -21.60 5.82 7.91
CA ILE A 113 -23.00 5.57 7.58
C ILE A 113 -23.13 4.20 6.93
N ASN A 114 -22.30 3.93 5.92
CA ASN A 114 -22.35 2.65 5.22
C ASN A 114 -22.05 1.49 6.15
N ALA A 115 -21.13 1.70 7.09
CA ALA A 115 -20.79 0.69 8.08
C ALA A 115 -21.91 0.47 9.09
N GLY A 116 -22.94 1.32 9.10
CA GLY A 116 -24.09 1.13 9.96
C GLY A 116 -24.16 2.04 11.18
N ILE A 117 -23.28 3.03 11.29
CA ILE A 117 -23.37 4.03 12.35
C ILE A 117 -24.36 5.11 11.95
N LYS A 118 -25.33 5.38 12.81
CA LYS A 118 -26.35 6.36 12.49
C LYS A 118 -25.73 7.75 12.34
N GLY A 119 -26.24 8.51 11.36
CA GLY A 119 -25.74 9.85 11.16
C GLY A 119 -25.72 10.67 12.42
N GLU A 120 -26.84 10.67 13.16
CA GLU A 120 -26.88 11.46 14.39
C GLU A 120 -25.78 11.04 15.33
N GLU A 121 -25.55 9.73 15.45
CA GLU A 121 -24.52 9.22 16.35
C GLU A 121 -23.15 9.72 15.92
N TYR A 122 -22.85 9.58 14.63
CA TYR A 122 -21.58 10.05 14.10
C TYR A 122 -21.39 11.54 14.37
N ASP A 123 -22.31 12.37 13.86
CA ASP A 123 -22.17 13.81 14.02
C ASP A 123 -22.06 14.21 15.48
N ALA A 124 -22.84 13.58 16.37
CA ALA A 124 -22.76 13.91 17.79
C ALA A 124 -21.38 13.57 18.35
N ALA A 125 -20.88 12.37 18.05
CA ALA A 125 -19.52 12.01 18.50
C ALA A 125 -18.49 12.92 17.88
N TRP A 126 -18.54 13.10 16.56
CA TRP A 126 -17.58 13.95 15.86
C TRP A 126 -17.41 15.29 16.54
N ASN A 127 -18.50 15.87 17.05
CA ASN A 127 -18.49 17.23 17.58
C ASN A 127 -18.33 17.29 19.09
N SER A 128 -18.14 16.15 19.74
CA SER A 128 -18.16 16.07 21.19
C SER A 128 -16.80 16.40 21.80
N PHE A 129 -16.84 16.83 23.06
CA PHE A 129 -15.59 17.09 23.75
C PHE A 129 -14.90 15.80 24.16
N VAL A 130 -15.65 14.70 24.31
CA VAL A 130 -15.00 13.41 24.50
C VAL A 130 -14.10 13.09 23.29
N VAL A 131 -14.60 13.30 22.08
CA VAL A 131 -13.76 13.04 20.91
C VAL A 131 -12.59 14.02 20.86
N LYS A 132 -12.84 15.29 21.22
CA LYS A 132 -11.74 16.28 21.20
C LYS A 132 -10.61 15.90 22.15
N SER A 133 -10.92 15.33 23.31
CA SER A 133 -9.84 14.93 24.22
C SER A 133 -9.13 13.69 23.72
N LEU A 134 -9.86 12.85 22.99
CA LEU A 134 -9.33 11.62 22.43
C LEU A 134 -8.45 11.89 21.21
N VAL A 135 -8.77 12.91 20.40
CA VAL A 135 -7.81 13.50 19.46
C VAL A 135 -6.56 13.97 20.20
N ALA A 136 -6.76 14.76 21.28
CA ALA A 136 -5.63 15.26 22.06
C ALA A 136 -4.76 14.12 22.58
N GLN A 137 -5.38 13.05 23.09
CA GLN A 137 -4.61 11.92 23.60
C GLN A 137 -3.77 11.26 22.52
N GLN A 138 -4.33 11.10 21.31
CA GLN A 138 -3.57 10.52 20.21
C GLN A 138 -2.40 11.40 19.87
N GLU A 139 -2.62 12.71 19.79
CA GLU A 139 -1.56 13.63 19.49
C GLU A 139 -0.50 13.62 20.59
N LYS A 140 -0.92 13.61 21.86
CA LYS A 140 0.07 13.65 22.93
C LYS A 140 0.94 12.41 22.88
N ALA A 141 0.32 11.24 22.73
CA ALA A 141 1.08 10.00 22.65
C ALA A 141 2.11 10.06 21.53
N ALA A 142 1.70 10.52 20.36
CA ALA A 142 2.67 10.65 19.27
C ALA A 142 3.77 11.62 19.63
N ALA A 143 3.42 12.74 20.29
CA ALA A 143 4.42 13.73 20.64
C ALA A 143 5.43 13.17 21.63
N ASP A 144 4.96 12.46 22.65
CA ASP A 144 5.84 11.89 23.65
C ASP A 144 7.05 11.19 23.05
N VAL A 145 6.87 10.42 21.97
CA VAL A 145 7.96 9.64 21.37
C VAL A 145 8.57 10.34 20.17
N GLN A 146 8.19 11.60 19.93
CA GLN A 146 8.60 12.36 18.74
C GLN A 146 8.52 11.52 17.47
N LEU A 147 7.28 11.11 17.17
CA LEU A 147 6.97 10.22 16.08
C LEU A 147 7.05 10.95 14.74
N ARG A 148 8.03 10.57 13.91
CA ARG A 148 8.14 11.08 12.54
C ARG A 148 7.83 10.03 11.48
N GLY A 149 7.60 8.76 11.85
CA GLY A 149 7.20 7.78 10.86
C GLY A 149 6.24 6.72 11.37
N VAL A 150 5.35 6.26 10.50
CA VAL A 150 4.47 5.12 10.77
C VAL A 150 4.69 4.10 9.68
N PRO A 151 4.27 2.83 9.89
CA PRO A 151 3.70 2.33 11.14
C PRO A 151 4.75 2.24 12.25
N ALA A 152 4.29 2.21 13.50
CA ALA A 152 5.22 2.25 14.62
C ALA A 152 4.56 1.58 15.80
N MET A 153 5.34 0.86 16.59
CA MET A 153 4.82 0.23 17.80
C MET A 153 5.84 0.39 18.93
N PHE A 154 5.32 0.69 20.11
CA PHE A 154 6.14 0.94 21.29
C PHE A 154 5.62 0.04 22.39
N VAL A 155 6.54 -0.47 23.21
CA VAL A 155 6.19 -1.29 24.36
C VAL A 155 6.63 -0.55 25.62
N ASN A 156 5.66 -0.23 26.48
CA ASN A 156 5.94 0.37 27.79
C ASN A 156 6.81 1.62 27.69
N GLY A 157 6.55 2.44 26.68
CA GLY A 157 7.29 3.68 26.58
C GLY A 157 8.80 3.56 26.50
N LYS A 158 9.33 2.35 26.34
CA LYS A 158 10.78 2.18 26.36
C LYS A 158 11.33 1.63 25.05
N TYR A 159 10.58 0.75 24.40
CA TYR A 159 11.06 -0.02 23.27
C TYR A 159 10.22 0.24 22.03
N GLN A 160 10.89 0.45 20.90
CA GLN A 160 10.28 0.68 19.61
C GLN A 160 10.62 -0.49 18.71
N LEU A 161 9.62 -0.97 17.96
CA LEU A 161 9.86 -2.08 17.05
C LEU A 161 10.70 -1.60 15.88
N ASN A 162 11.63 -2.44 15.43
CA ASN A 162 12.50 -2.15 14.30
C ASN A 162 12.28 -3.18 13.20
N PRO A 163 11.16 -3.09 12.46
CA PRO A 163 10.89 -4.09 11.42
C PRO A 163 11.91 -4.12 10.29
N GLN A 164 12.83 -3.16 10.20
CA GLN A 164 13.85 -3.22 9.14
C GLN A 164 14.85 -4.34 9.41
N GLY A 165 15.02 -4.74 10.67
CA GLY A 165 15.84 -5.88 11.01
C GLY A 165 15.09 -7.20 11.07
N MET A 166 14.14 -7.43 10.16
CA MET A 166 13.39 -8.68 10.13
C MET A 166 13.20 -9.13 8.68
N ASP A 167 12.94 -10.42 8.53
CA ASP A 167 13.04 -11.09 7.23
C ASP A 167 11.70 -11.04 6.52
N THR A 168 11.70 -10.58 5.28
CA THR A 168 10.45 -10.28 4.57
C THR A 168 10.22 -11.15 3.34
N SER A 169 10.99 -12.22 3.17
CA SER A 169 10.76 -13.16 2.08
C SER A 169 9.46 -13.92 2.25
N ASN A 170 8.96 -13.98 3.48
CA ASN A 170 7.77 -14.71 3.83
C ASN A 170 6.94 -13.79 4.72
N MET A 171 5.69 -13.54 4.32
CA MET A 171 4.83 -12.65 5.10
C MET A 171 4.52 -13.22 6.48
N ASP A 172 4.40 -14.54 6.59
CA ASP A 172 4.00 -15.12 7.87
C ASP A 172 5.16 -15.14 8.85
N VAL A 173 6.35 -15.49 8.37
CA VAL A 173 7.54 -15.46 9.20
C VAL A 173 7.79 -14.06 9.72
N PHE A 174 7.66 -13.06 8.84
CA PHE A 174 7.86 -11.67 9.26
C PHE A 174 6.90 -11.32 10.40
N VAL A 175 5.62 -11.64 10.23
CA VAL A 175 4.62 -11.33 11.23
C VAL A 175 4.97 -11.98 12.57
N GLN A 176 5.33 -13.27 12.56
CA GLN A 176 5.59 -13.96 13.81
C GLN A 176 6.84 -13.41 14.49
N GLN A 177 7.87 -13.09 13.71
CA GLN A 177 9.03 -12.43 14.27
C GLN A 177 8.60 -11.15 14.98
N TYR A 178 7.79 -10.34 14.28
CA TYR A 178 7.26 -9.11 14.86
C TYR A 178 6.50 -9.38 16.16
N ALA A 179 5.57 -10.33 16.13
CA ALA A 179 4.75 -10.59 17.32
C ALA A 179 5.60 -11.16 18.44
N ASP A 180 6.53 -12.06 18.10
CA ASP A 180 7.40 -12.63 19.13
C ASP A 180 8.26 -11.56 19.78
N THR A 181 8.72 -10.58 18.99
CA THR A 181 9.52 -9.52 19.60
C THR A 181 8.68 -8.71 20.58
N VAL A 182 7.48 -8.29 20.16
CA VAL A 182 6.60 -7.55 21.07
C VAL A 182 6.43 -8.34 22.37
N LYS A 183 6.21 -9.65 22.25
CA LYS A 183 6.02 -10.48 23.44
C LYS A 183 7.27 -10.49 24.29
N TYR A 184 8.44 -10.66 23.67
CA TYR A 184 9.69 -10.62 24.41
C TYR A 184 9.86 -9.28 25.10
N LEU A 185 9.59 -8.19 24.38
CA LEU A 185 9.75 -6.87 24.95
C LEU A 185 8.81 -6.66 26.13
N SER A 186 7.60 -7.19 26.03
CA SER A 186 6.62 -6.94 27.08
C SER A 186 6.96 -7.71 28.35
N GLU A 187 7.77 -8.77 28.24
CA GLU A 187 8.24 -9.53 29.40
C GLU A 187 9.50 -8.96 30.01
N LYS A 188 10.23 -8.11 29.30
CA LYS A 188 11.44 -7.47 29.85
C LYS A 188 11.12 -6.75 31.15
N ALA B 1 -6.47 25.87 -23.45
CA ALA B 1 -6.14 24.54 -23.95
C ALA B 1 -6.64 23.45 -22.99
N GLN B 2 -7.30 22.43 -23.56
CA GLN B 2 -7.77 21.29 -22.77
C GLN B 2 -6.66 20.69 -21.92
N TYR B 3 -5.55 20.29 -22.55
CA TYR B 3 -4.45 19.63 -21.85
C TYR B 3 -3.46 20.68 -21.34
N GLU B 4 -3.51 20.93 -20.04
CA GLU B 4 -2.63 21.88 -19.35
C GLU B 4 -1.59 21.09 -18.56
N ASP B 5 -0.32 21.26 -18.91
CA ASP B 5 0.75 20.71 -18.10
C ASP B 5 0.51 20.94 -16.61
N GLY B 6 0.59 19.86 -15.83
CA GLY B 6 0.29 19.92 -14.42
C GLY B 6 -1.14 19.59 -14.07
N LYS B 7 -2.06 19.65 -15.02
CA LYS B 7 -3.41 19.16 -14.74
C LYS B 7 -3.44 17.65 -14.94
N GLN B 8 -3.49 17.19 -16.21
CA GLN B 8 -3.60 15.77 -16.52
C GLN B 8 -2.25 15.06 -16.62
N TYR B 9 -1.14 15.79 -16.59
CA TYR B 9 0.15 15.13 -16.79
C TYR B 9 1.22 16.08 -16.28
N THR B 10 2.42 15.54 -16.12
CA THR B 10 3.59 16.35 -15.80
C THR B 10 4.73 15.92 -16.71
N THR B 11 5.72 16.78 -16.79
CA THR B 11 6.83 16.59 -17.72
C THR B 11 8.08 16.30 -16.90
N LEU B 12 8.91 15.40 -17.40
CA LEU B 12 10.10 14.99 -16.69
C LEU B 12 11.18 16.06 -16.79
N GLU B 13 11.70 16.50 -15.64
CA GLU B 13 12.82 17.43 -15.65
C GLU B 13 13.98 16.87 -16.45
N LYS B 14 14.51 15.72 -16.05
CA LYS B 14 15.54 15.06 -16.83
C LYS B 14 14.91 14.17 -17.89
N PRO B 15 15.67 13.83 -18.94
CA PRO B 15 15.08 13.07 -20.07
C PRO B 15 15.28 11.57 -19.93
N VAL B 16 14.46 10.78 -20.64
CA VAL B 16 14.56 9.32 -20.62
C VAL B 16 14.68 8.84 -22.06
N ALA B 17 15.87 8.39 -22.45
CA ALA B 17 16.10 7.91 -23.81
C ALA B 17 15.86 6.41 -23.91
N GLY B 18 15.23 6.00 -25.01
CA GLY B 18 14.94 4.61 -25.27
C GLY B 18 13.71 4.06 -24.57
N ALA B 19 12.97 4.89 -23.84
CA ALA B 19 11.84 4.41 -23.07
C ALA B 19 10.77 3.83 -23.97
N PRO B 20 10.13 2.73 -23.56
CA PRO B 20 8.98 2.23 -24.32
C PRO B 20 7.93 3.32 -24.48
N GLN B 21 7.18 3.23 -25.59
CA GLN B 21 6.25 4.29 -25.95
C GLN B 21 5.27 4.58 -24.82
N VAL B 22 4.68 3.52 -24.28
CA VAL B 22 3.81 3.59 -23.12
C VAL B 22 4.34 2.56 -22.12
N LEU B 23 4.84 3.05 -20.98
CA LEU B 23 5.40 2.24 -19.90
C LEU B 23 4.53 2.37 -18.65
N GLU B 24 3.97 1.26 -18.20
CA GLU B 24 3.17 1.23 -16.98
C GLU B 24 3.93 0.46 -15.90
N PHE B 25 3.86 0.97 -14.66
CA PHE B 25 4.46 0.35 -13.49
C PHE B 25 3.38 -0.04 -12.49
N PHE B 26 3.53 -1.23 -11.89
CA PHE B 26 2.57 -1.68 -10.89
C PHE B 26 3.28 -2.58 -9.88
N SER B 27 2.50 -3.01 -8.89
CA SER B 27 2.93 -4.01 -7.91
C SER B 27 1.75 -4.87 -7.53
N PHE B 28 1.98 -6.17 -7.36
CA PHE B 28 0.89 -7.01 -6.89
C PHE B 28 0.51 -6.73 -5.45
N PHE B 29 1.29 -5.91 -4.73
CA PHE B 29 0.98 -5.47 -3.36
C PHE B 29 0.18 -4.19 -3.31
N CYS B 30 0.20 -3.42 -4.38
CA CYS B 30 -0.38 -2.09 -4.51
C CYS B 30 -1.90 -2.15 -4.69
N PRO B 31 -2.66 -1.68 -3.70
CA PRO B 31 -4.13 -1.77 -3.82
C PRO B 31 -4.70 -0.85 -4.89
N HIS B 32 -4.16 0.34 -5.07
CA HIS B 32 -4.65 1.19 -6.15
C HIS B 32 -4.32 0.59 -7.52
N CYS B 33 -3.18 -0.09 -7.65
CA CYS B 33 -2.84 -0.77 -8.90
C CYS B 33 -3.85 -1.85 -9.22
N TYR B 34 -4.21 -2.63 -8.21
CA TYR B 34 -5.25 -3.62 -8.37
C TYR B 34 -6.56 -2.94 -8.73
N GLN B 35 -6.80 -1.74 -8.17
CA GLN B 35 -7.96 -0.95 -8.55
C GLN B 35 -7.89 -0.53 -10.03
N PHE B 36 -6.75 -0.01 -10.47
CA PHE B 36 -6.56 0.36 -11.87
C PHE B 36 -6.85 -0.83 -12.80
N GLU B 37 -6.20 -1.97 -12.56
CA GLU B 37 -6.19 -3.06 -13.53
C GLU B 37 -7.53 -3.77 -13.59
N GLU B 38 -8.11 -4.11 -12.44
CA GLU B 38 -9.22 -5.04 -12.39
C GLU B 38 -10.59 -4.39 -12.16
N VAL B 39 -10.66 -3.16 -11.67
CA VAL B 39 -11.91 -2.46 -11.48
C VAL B 39 -12.07 -1.33 -12.50
N LEU B 40 -11.08 -0.46 -12.62
CA LEU B 40 -11.21 0.63 -13.59
C LEU B 40 -10.84 0.21 -15.01
N HIS B 41 -10.16 -0.93 -15.18
CA HIS B 41 -9.71 -1.36 -16.51
C HIS B 41 -8.97 -0.23 -17.20
N ILE B 42 -8.02 0.37 -16.47
CA ILE B 42 -7.29 1.51 -17.00
C ILE B 42 -6.51 1.10 -18.24
N SER B 43 -5.62 0.11 -18.10
CA SER B 43 -4.84 -0.38 -19.24
C SER B 43 -5.72 -0.73 -20.43
N ASP B 44 -6.80 -1.48 -20.19
CA ASP B 44 -7.68 -1.87 -21.29
C ASP B 44 -8.18 -0.64 -22.03
N ASN B 45 -8.65 0.36 -21.28
CA ASN B 45 -9.21 1.55 -21.93
C ASN B 45 -8.12 2.36 -22.61
N VAL B 46 -6.92 2.41 -22.05
CA VAL B 46 -5.82 3.08 -22.76
C VAL B 46 -5.47 2.33 -24.05
N LYS B 47 -5.39 1.00 -24.00
CA LYS B 47 -5.07 0.22 -25.20
C LYS B 47 -6.09 0.47 -26.32
N LYS B 48 -7.38 0.46 -25.97
CA LYS B 48 -8.46 0.72 -26.93
C LYS B 48 -8.22 1.98 -27.75
N LYS B 49 -7.65 3.02 -27.15
CA LYS B 49 -7.49 4.31 -27.79
C LYS B 49 -6.07 4.61 -28.23
N LEU B 50 -5.13 3.69 -28.03
CA LEU B 50 -3.78 3.98 -28.50
C LEU B 50 -3.73 3.95 -30.04
N PRO B 51 -2.89 4.78 -30.63
CA PRO B 51 -2.77 4.78 -32.10
C PRO B 51 -2.21 3.47 -32.60
N GLU B 52 -2.37 3.25 -33.90
CA GLU B 52 -1.85 2.06 -34.56
C GLU B 52 -0.35 1.96 -34.36
N GLY B 53 0.09 0.85 -33.77
CA GLY B 53 1.49 0.53 -33.65
C GLY B 53 2.09 0.75 -32.28
N VAL B 54 1.45 1.52 -31.42
CA VAL B 54 2.03 1.84 -30.13
C VAL B 54 1.75 0.66 -29.20
N LYS B 55 2.82 0.07 -28.65
CA LYS B 55 2.73 -1.09 -27.78
C LYS B 55 2.76 -0.68 -26.32
N MET B 56 1.89 -1.33 -25.54
CA MET B 56 1.83 -1.11 -24.11
C MET B 56 2.80 -2.04 -23.40
N THR B 57 3.65 -1.45 -22.57
CA THR B 57 4.62 -2.16 -21.77
C THR B 57 4.28 -1.96 -20.28
N LYS B 58 4.26 -3.05 -19.51
CA LYS B 58 3.92 -2.99 -18.10
C LYS B 58 4.99 -3.74 -17.29
N TYR B 59 5.53 -3.07 -16.26
CA TYR B 59 6.61 -3.64 -15.46
C TYR B 59 6.21 -3.69 -14.00
N HIS B 60 6.69 -4.70 -13.29
CA HIS B 60 6.50 -4.82 -11.85
C HIS B 60 7.65 -4.14 -11.10
N VAL B 61 7.38 -3.68 -9.89
CA VAL B 61 8.36 -2.98 -9.07
C VAL B 61 8.58 -3.73 -7.75
N ASN B 62 9.77 -3.52 -7.16
CA ASN B 62 10.19 -4.26 -5.98
C ASN B 62 9.84 -3.58 -4.66
N PHE B 63 9.61 -2.26 -4.65
CA PHE B 63 9.66 -1.57 -3.38
C PHE B 63 8.41 -1.74 -2.52
N MET B 64 7.57 -2.73 -2.81
CA MET B 64 6.49 -3.10 -1.89
C MET B 64 6.65 -4.56 -1.48
N GLY B 65 6.34 -4.84 -0.21
CA GLY B 65 6.48 -6.18 0.32
C GLY B 65 7.89 -6.69 0.50
N GLY B 66 8.88 -5.80 0.58
CA GLY B 66 10.25 -6.23 0.78
C GLY B 66 10.69 -7.31 -0.21
N ASP B 67 11.28 -8.38 0.34
CA ASP B 67 11.88 -9.43 -0.50
C ASP B 67 10.83 -10.18 -1.31
N LEU B 68 9.62 -10.31 -0.78
CA LEU B 68 8.56 -10.91 -1.58
C LEU B 68 8.29 -10.08 -2.83
N GLY B 69 8.30 -8.74 -2.69
CA GLY B 69 8.13 -7.88 -3.85
C GLY B 69 9.11 -8.21 -4.96
N LYS B 70 10.36 -8.52 -4.60
CA LYS B 70 11.34 -8.86 -5.61
C LYS B 70 11.00 -10.17 -6.29
N ASP B 71 10.53 -11.17 -5.51
CA ASP B 71 10.12 -12.43 -6.13
C ASP B 71 8.97 -12.20 -7.11
N LEU B 72 8.05 -11.29 -6.79
CA LEU B 72 6.95 -11.02 -7.70
C LEU B 72 7.46 -10.39 -8.99
N THR B 73 8.43 -9.48 -8.89
CA THR B 73 9.04 -8.93 -10.10
C THR B 73 9.60 -10.04 -10.98
N GLN B 74 10.42 -10.91 -10.39
CA GLN B 74 10.92 -12.06 -11.15
C GLN B 74 9.76 -12.86 -11.75
N ALA B 75 8.71 -13.10 -10.96
CA ALA B 75 7.57 -13.87 -11.45
C ALA B 75 6.87 -13.16 -12.59
N TRP B 76 6.78 -11.82 -12.53
CA TRP B 76 6.20 -11.09 -13.64
C TRP B 76 7.08 -11.19 -14.88
N ALA B 77 8.41 -11.19 -14.68
CA ALA B 77 9.32 -11.49 -15.79
C ALA B 77 9.00 -12.86 -16.40
N VAL B 78 8.79 -13.88 -15.57
CA VAL B 78 8.36 -15.18 -16.09
C VAL B 78 7.05 -15.06 -16.85
N ALA B 79 6.06 -14.34 -16.29
CA ALA B 79 4.78 -14.20 -16.97
C ALA B 79 4.97 -13.60 -18.35
N MET B 80 5.84 -12.59 -18.45
CA MET B 80 6.09 -11.99 -19.76
C MET B 80 6.75 -13.00 -20.70
N ALA B 81 7.77 -13.70 -20.20
CA ALA B 81 8.54 -14.63 -21.03
C ALA B 81 7.64 -15.71 -21.63
N LEU B 82 6.80 -16.32 -20.79
CA LEU B 82 5.87 -17.37 -21.18
C LEU B 82 4.61 -16.81 -21.84
N GLY B 83 4.47 -15.49 -21.93
CA GLY B 83 3.23 -14.87 -22.37
C GLY B 83 1.95 -15.33 -21.68
N VAL B 84 1.93 -15.37 -20.34
CA VAL B 84 0.73 -15.77 -19.61
C VAL B 84 0.21 -14.65 -18.71
N GLU B 85 0.56 -13.40 -19.05
CA GLU B 85 0.10 -12.26 -18.27
C GLU B 85 -1.41 -12.27 -18.10
N ASP B 86 -2.15 -12.62 -19.15
CA ASP B 86 -3.60 -12.64 -19.08
C ASP B 86 -4.13 -13.92 -18.47
N LYS B 87 -3.27 -14.70 -17.83
CA LYS B 87 -3.75 -15.87 -17.12
C LYS B 87 -3.32 -15.90 -15.67
N VAL B 88 -2.33 -15.11 -15.27
CA VAL B 88 -1.82 -15.11 -13.90
C VAL B 88 -2.05 -13.79 -13.17
N THR B 89 -2.36 -12.70 -13.88
CA THR B 89 -2.56 -11.41 -13.23
C THR B 89 -3.62 -11.47 -12.14
N VAL B 90 -4.74 -12.16 -12.39
CA VAL B 90 -5.81 -12.20 -11.41
C VAL B 90 -5.44 -13.12 -10.25
N PRO B 91 -5.07 -14.37 -10.48
CA PRO B 91 -4.66 -15.19 -9.33
C PRO B 91 -3.58 -14.52 -8.50
N LEU B 92 -2.75 -13.68 -9.13
CA LEU B 92 -1.64 -13.06 -8.41
C LEU B 92 -2.14 -11.90 -7.55
N PHE B 93 -2.94 -10.97 -8.11
CA PHE B 93 -3.56 -9.95 -7.27
C PHE B 93 -4.38 -10.57 -6.14
N GLU B 94 -5.32 -11.45 -6.49
CA GLU B 94 -6.12 -12.10 -5.45
C GLU B 94 -5.24 -12.80 -4.42
N GLY B 95 -4.25 -13.56 -4.89
CA GLY B 95 -3.43 -14.32 -3.95
C GLY B 95 -2.71 -13.43 -2.97
N VAL B 96 -2.20 -12.28 -3.44
CA VAL B 96 -1.47 -11.40 -2.54
C VAL B 96 -2.43 -10.60 -1.64
N GLN B 97 -3.50 -10.05 -2.21
CA GLN B 97 -4.30 -9.03 -1.56
C GLN B 97 -5.68 -9.47 -1.06
N LYS B 98 -6.26 -10.53 -1.62
CA LYS B 98 -7.63 -10.90 -1.23
C LYS B 98 -7.65 -12.23 -0.46
N THR B 99 -7.45 -13.37 -1.15
CA THR B 99 -7.41 -14.66 -0.46
C THR B 99 -6.23 -14.77 0.50
N GLN B 100 -5.15 -14.04 0.22
CA GLN B 100 -3.93 -14.05 1.03
C GLN B 100 -3.38 -15.46 1.20
N THR B 101 -3.34 -16.19 0.10
CA THR B 101 -2.69 -17.48 0.00
C THR B 101 -1.33 -17.40 -0.68
N ILE B 102 -0.92 -16.20 -1.10
CA ILE B 102 0.41 -15.98 -1.65
C ILE B 102 1.25 -15.31 -0.56
N ARG B 103 2.12 -16.08 0.07
CA ARG B 103 2.92 -15.56 1.17
C ARG B 103 4.40 -15.77 0.94
N SER B 104 4.79 -16.46 -0.12
CA SER B 104 6.18 -16.77 -0.39
C SER B 104 6.32 -17.16 -1.85
N ALA B 105 7.58 -17.23 -2.32
CA ALA B 105 7.81 -17.57 -3.72
C ALA B 105 7.13 -18.88 -4.07
N SER B 106 7.05 -19.83 -3.14
CA SER B 106 6.49 -21.13 -3.46
C SER B 106 5.02 -21.03 -3.85
N ASP B 107 4.30 -20.12 -3.19
CA ASP B 107 2.90 -19.91 -3.51
C ASP B 107 2.73 -19.23 -4.87
N ILE B 108 3.74 -18.47 -5.30
CA ILE B 108 3.71 -17.84 -6.62
C ILE B 108 3.80 -18.90 -7.71
N ARG B 109 4.80 -19.77 -7.61
CA ARG B 109 4.90 -20.94 -8.46
C ARG B 109 3.57 -21.69 -8.53
N ASP B 110 2.92 -21.91 -7.38
CA ASP B 110 1.66 -22.67 -7.41
C ASP B 110 0.62 -22.01 -8.31
N VAL B 111 0.63 -20.67 -8.38
CA VAL B 111 -0.33 -19.98 -9.22
C VAL B 111 -0.11 -20.31 -10.70
N PHE B 112 1.16 -20.33 -11.13
CA PHE B 112 1.47 -20.69 -12.51
C PHE B 112 1.14 -22.15 -12.77
N ILE B 113 1.61 -23.06 -11.91
CA ILE B 113 1.28 -24.48 -12.07
C ILE B 113 -0.23 -24.67 -12.15
N ASN B 114 -0.96 -23.98 -11.28
CA ASN B 114 -2.41 -24.11 -11.26
C ASN B 114 -3.07 -23.56 -12.53
N ALA B 115 -2.42 -22.59 -13.20
CA ALA B 115 -2.96 -22.09 -14.46
C ALA B 115 -2.52 -22.92 -15.67
N GLY B 116 -1.82 -24.04 -15.47
CA GLY B 116 -1.52 -24.98 -16.54
C GLY B 116 -0.07 -25.02 -16.99
N ILE B 117 0.78 -24.12 -16.46
CA ILE B 117 2.22 -24.13 -16.76
C ILE B 117 2.86 -25.23 -15.95
N LYS B 118 3.52 -26.16 -16.63
CA LYS B 118 4.05 -27.29 -15.89
C LYS B 118 5.20 -26.75 -15.02
N GLY B 119 5.45 -27.37 -13.86
CA GLY B 119 6.40 -26.78 -12.92
C GLY B 119 7.83 -26.68 -13.45
N GLU B 120 8.36 -27.80 -13.95
CA GLU B 120 9.65 -27.83 -14.65
C GLU B 120 9.79 -26.69 -15.65
N GLU B 121 8.74 -26.41 -16.40
CA GLU B 121 8.79 -25.30 -17.35
C GLU B 121 8.85 -23.94 -16.64
N TYR B 122 8.08 -23.79 -15.55
CA TYR B 122 8.16 -22.55 -14.78
C TYR B 122 9.56 -22.37 -14.18
N ASP B 123 10.13 -23.45 -13.64
CA ASP B 123 11.47 -23.34 -13.05
C ASP B 123 12.49 -22.98 -14.13
N ALA B 124 12.41 -23.64 -15.28
CA ALA B 124 13.27 -23.27 -16.39
C ALA B 124 13.17 -21.78 -16.68
N ALA B 125 11.95 -21.29 -16.89
CA ALA B 125 11.77 -19.87 -17.18
C ALA B 125 12.34 -19.02 -16.07
N TRP B 126 12.05 -19.36 -14.81
CA TRP B 126 12.50 -18.58 -13.68
C TRP B 126 14.02 -18.41 -13.70
N ASN B 127 14.75 -19.47 -14.05
CA ASN B 127 16.20 -19.47 -14.08
C ASN B 127 16.76 -19.21 -15.47
N SER B 128 15.96 -18.67 -16.38
CA SER B 128 16.45 -18.45 -17.73
C SER B 128 17.14 -17.10 -17.80
N PHE B 129 17.97 -16.93 -18.83
CA PHE B 129 18.58 -15.62 -19.04
C PHE B 129 17.55 -14.61 -19.53
N VAL B 130 16.55 -15.05 -20.31
CA VAL B 130 15.47 -14.14 -20.68
C VAL B 130 14.89 -13.50 -19.41
N VAL B 131 14.60 -14.31 -18.40
CA VAL B 131 14.04 -13.77 -17.17
C VAL B 131 15.10 -12.96 -16.40
N LYS B 132 16.37 -13.33 -16.50
CA LYS B 132 17.41 -12.57 -15.81
C LYS B 132 17.50 -11.15 -16.38
N SER B 133 17.55 -11.02 -17.70
CA SER B 133 17.59 -9.69 -18.30
C SER B 133 16.28 -8.94 -18.09
N LEU B 134 15.14 -9.65 -18.12
CA LEU B 134 13.85 -9.01 -17.94
C LEU B 134 13.73 -8.37 -16.57
N VAL B 135 14.37 -8.95 -15.54
CA VAL B 135 14.35 -8.34 -14.22
C VAL B 135 15.22 -7.09 -14.20
N ALA B 136 16.39 -7.15 -14.84
CA ALA B 136 17.24 -5.97 -14.93
C ALA B 136 16.49 -4.83 -15.61
N GLN B 137 15.77 -5.12 -16.70
CA GLN B 137 15.03 -4.11 -17.44
C GLN B 137 13.99 -3.42 -16.56
N GLN B 138 13.16 -4.21 -15.87
CA GLN B 138 12.16 -3.61 -14.99
C GLN B 138 12.83 -2.77 -13.91
N GLU B 139 13.96 -3.24 -13.38
CA GLU B 139 14.68 -2.46 -12.38
C GLU B 139 15.30 -1.20 -12.99
N LYS B 140 16.04 -1.36 -14.09
CA LYS B 140 16.63 -0.20 -14.74
C LYS B 140 15.56 0.79 -15.21
N ALA B 141 14.42 0.29 -15.69
CA ALA B 141 13.37 1.20 -16.15
C ALA B 141 12.87 2.11 -15.02
N ALA B 142 12.61 1.52 -13.85
CA ALA B 142 12.15 2.33 -12.72
C ALA B 142 13.24 3.29 -12.25
N ALA B 143 14.50 2.84 -12.27
CA ALA B 143 15.59 3.71 -11.85
C ALA B 143 15.68 4.95 -12.74
N ASP B 144 15.29 4.80 -14.01
CA ASP B 144 15.42 5.89 -14.97
C ASP B 144 14.48 7.02 -14.62
N VAL B 145 13.20 6.71 -14.41
CA VAL B 145 12.21 7.76 -14.20
C VAL B 145 12.23 8.16 -12.73
N GLN B 146 13.20 7.65 -11.98
CA GLN B 146 13.27 7.90 -10.55
C GLN B 146 11.91 7.62 -9.91
N LEU B 147 11.36 6.46 -10.26
CA LEU B 147 10.04 6.07 -9.80
C LEU B 147 9.99 5.98 -8.29
N ARG B 148 9.01 6.66 -7.70
CA ARG B 148 8.82 6.64 -6.25
C ARG B 148 7.47 6.07 -5.80
N GLY B 149 6.61 5.65 -6.72
CA GLY B 149 5.30 5.13 -6.35
C GLY B 149 4.56 4.49 -7.50
N VAL B 150 3.56 3.67 -7.14
CA VAL B 150 2.72 2.99 -8.13
C VAL B 150 1.26 3.19 -7.76
N PRO B 151 0.35 3.17 -8.74
CA PRO B 151 0.65 3.05 -10.17
C PRO B 151 1.24 4.31 -10.78
N ALA B 152 1.88 4.14 -11.93
CA ALA B 152 2.43 5.26 -12.67
C ALA B 152 2.51 4.86 -14.13
N MET B 153 2.29 5.83 -15.03
CA MET B 153 2.44 5.58 -16.45
C MET B 153 3.29 6.67 -17.08
N PHE B 154 4.15 6.27 -18.02
CA PHE B 154 5.04 7.20 -18.70
C PHE B 154 4.95 7.02 -20.20
N VAL B 155 4.73 8.12 -20.90
CA VAL B 155 4.65 8.15 -22.35
C VAL B 155 5.97 8.67 -22.89
N ASN B 156 6.59 7.89 -23.77
CA ASN B 156 7.79 8.33 -24.49
C ASN B 156 8.85 8.87 -23.54
N GLY B 157 8.92 8.33 -22.32
CA GLY B 157 9.95 8.75 -21.40
C GLY B 157 10.01 10.24 -21.15
N LYS B 158 8.98 10.97 -21.58
CA LYS B 158 8.94 12.41 -21.42
C LYS B 158 7.88 12.88 -20.43
N TYR B 159 6.71 12.26 -20.43
CA TYR B 159 5.60 12.74 -19.61
C TYR B 159 5.17 11.68 -18.61
N GLN B 160 4.35 12.10 -17.65
CA GLN B 160 3.94 11.26 -16.54
C GLN B 160 2.48 11.54 -16.22
N LEU B 161 1.64 10.52 -16.35
CA LEU B 161 0.22 10.72 -16.11
C LEU B 161 0.01 11.26 -14.71
N ASN B 162 -0.95 12.18 -14.56
CA ASN B 162 -1.26 12.81 -13.28
C ASN B 162 -2.74 12.62 -12.97
N PRO B 163 -3.14 11.42 -12.56
CA PRO B 163 -4.57 11.21 -12.26
C PRO B 163 -5.07 12.12 -11.15
N GLN B 164 -4.19 12.64 -10.30
CA GLN B 164 -4.64 13.56 -9.26
C GLN B 164 -5.38 14.74 -9.86
N GLY B 165 -4.85 15.28 -10.97
CA GLY B 165 -5.38 16.46 -11.62
C GLY B 165 -6.61 16.25 -12.49
N MET B 166 -7.09 15.01 -12.61
CA MET B 166 -8.20 14.65 -13.49
C MET B 166 -9.52 14.69 -12.70
N ASP B 167 -10.63 14.61 -13.44
CA ASP B 167 -11.95 14.58 -12.81
C ASP B 167 -12.18 13.28 -12.05
N THR B 168 -11.91 13.28 -10.74
CA THR B 168 -11.98 12.04 -9.97
C THR B 168 -13.37 11.76 -9.40
N SER B 169 -14.38 12.59 -9.70
CA SER B 169 -15.74 12.32 -9.24
C SER B 169 -16.41 11.26 -10.11
N ASN B 170 -16.44 11.48 -11.42
CA ASN B 170 -17.01 10.52 -12.36
C ASN B 170 -15.92 9.54 -12.79
N MET B 171 -16.09 8.27 -12.43
CA MET B 171 -15.08 7.28 -12.79
C MET B 171 -15.06 7.02 -14.29
N ASP B 172 -16.24 6.93 -14.91
CA ASP B 172 -16.28 6.77 -16.35
C ASP B 172 -15.55 7.89 -17.06
N VAL B 173 -15.83 9.15 -16.67
CA VAL B 173 -15.15 10.27 -17.30
C VAL B 173 -13.66 10.24 -16.98
N PHE B 174 -13.31 9.84 -15.76
CA PHE B 174 -11.91 9.80 -15.37
C PHE B 174 -11.13 8.80 -16.21
N VAL B 175 -11.70 7.61 -16.44
CA VAL B 175 -10.99 6.58 -17.18
C VAL B 175 -10.72 7.05 -18.62
N GLN B 176 -11.78 7.50 -19.30
CA GLN B 176 -11.59 8.00 -20.66
C GLN B 176 -10.64 9.18 -20.67
N GLN B 177 -10.72 10.05 -19.64
CA GLN B 177 -9.77 11.16 -19.51
C GLN B 177 -8.34 10.64 -19.42
N TYR B 178 -8.09 9.65 -18.56
CA TYR B 178 -6.76 9.06 -18.50
C TYR B 178 -6.34 8.49 -19.86
N ALA B 179 -7.21 7.68 -20.46
CA ALA B 179 -6.91 7.10 -21.77
C ALA B 179 -6.63 8.18 -22.81
N ASP B 180 -7.54 9.17 -22.93
CA ASP B 180 -7.38 10.26 -23.89
C ASP B 180 -6.07 11.02 -23.66
N THR B 181 -5.72 11.27 -22.39
CA THR B 181 -4.43 11.92 -22.10
C THR B 181 -3.28 11.10 -22.65
N VAL B 182 -3.32 9.78 -22.47
CA VAL B 182 -2.25 8.94 -22.99
C VAL B 182 -2.15 9.10 -24.50
N LYS B 183 -3.27 8.92 -25.20
CA LYS B 183 -3.30 9.12 -26.64
C LYS B 183 -2.79 10.51 -27.02
N TYR B 184 -3.20 11.54 -26.27
CA TYR B 184 -2.77 12.90 -26.54
C TYR B 184 -1.28 13.05 -26.40
N LEU B 185 -0.70 12.46 -25.36
CA LEU B 185 0.74 12.57 -25.14
C LEU B 185 1.52 11.79 -26.17
N SER B 186 1.01 10.64 -26.59
CA SER B 186 1.74 9.83 -27.56
C SER B 186 1.85 10.53 -28.91
N GLU B 187 0.90 11.43 -29.21
CA GLU B 187 0.89 12.16 -30.48
C GLU B 187 1.62 13.49 -30.31
N LYS B 188 2.88 13.41 -29.89
CA LYS B 188 3.71 14.59 -29.67
C LYS B 188 5.09 14.37 -30.28
C10 VCY C . 8.93 1.99 8.45
C13 VCY C . 9.08 0.84 7.62
C15 VCY C . 7.75 -3.31 5.92
C17 VCY C . 7.14 -5.20 4.61
C20 VCY C . 5.19 -8.35 3.63
C22 VCY C . 6.65 -10.23 3.61
C24 VCY C . 3.99 -6.40 2.82
C26 VCY C . 8.53 -5.36 4.35
C28 VCY C . 9.14 -3.42 5.69
C02 VCY C . 12.32 -2.61 5.59
C03 VCY C . 11.21 -1.92 6.57
C04 VCY C . 9.71 -2.31 6.43
C05 VCY C . 8.69 -1.64 7.01
C06 VCY C . 8.51 -0.43 7.90
C07 VCY C . 7.72 -0.51 9.08
C08 VCY C . 7.56 0.60 9.93
C09 VCY C . 8.15 1.84 9.63
C12 VCY C . 10.99 3.44 8.46
C16 VCY C . 6.76 -4.14 5.42
C18 VCY C . 6.10 -6.11 4.06
C19 VCY C . 6.16 -7.48 4.16
C23 VCY C . 4.07 -7.79 2.94
C25 VCY C . 4.97 -5.58 3.37
C27 VCY C . 9.49 -4.50 4.87
O01 VCY C . 12.86 -3.66 6.03
O11 VCY C . 9.57 3.24 8.11
O14 VCY C . 7.43 -2.22 6.74
O21 VCY C . 5.34 -9.71 3.77
O29 VCY C . 12.59 -2.08 4.54
H131 VCY C . 9.59 0.94 6.85
H222 VCY C . 6.66 -11.06 3.11
H221 VCY C . 7.08 -10.43 4.46
H223 VCY C . 7.24 -9.62 3.15
H241 VCY C . 3.26 -6.03 2.38
H261 VCY C . 8.79 -6.07 3.81
H032 VCY C . 11.33 -0.96 6.47
H031 VCY C . 11.52 -2.07 7.48
H071 VCY C . 7.32 -1.32 9.30
H081 VCY C . 7.05 0.52 10.70
H091 VCY C . 8.03 2.59 10.18
H123 VCY C . 11.21 4.35 8.74
H122 VCY C . 11.62 3.26 7.74
H121 VCY C . 11.31 2.89 9.20
H161 VCY C . 5.86 -4.01 5.61
H191 VCY C . 6.88 -7.87 4.61
H231 VCY C . 3.43 -8.35 2.58
H251 VCY C . 4.89 -4.65 3.28
H271 VCY C . 10.39 -4.62 4.69
CU CU D . -6.67 25.55 -20.94
#